data_8W35
#
_entry.id   8W35
#
_cell.length_a   1.00
_cell.length_b   1.00
_cell.length_c   1.00
_cell.angle_alpha   90.00
_cell.angle_beta   90.00
_cell.angle_gamma   90.00
#
_symmetry.space_group_name_H-M   'P 1'
#
loop_
_entity.id
_entity.type
_entity.pdbx_description
1 polymer 'Anti-CRISPR associated (Aca) protein, Aca2'
2 polymer 'IR2 and IR-RBS RNA'
#
loop_
_entity_poly.entity_id
_entity_poly.type
_entity_poly.pdbx_seq_one_letter_code
_entity_poly.pdbx_strand_id
1 'polypeptide(L)'
;SHGSMTNKELQAIRKLLMLDVSEAAEHIGRVSARSWQYWESGRSAVPDDVEQEMLDLASVRIEMMSAIDKRLADGERPKL
RFYNKLDEYLADNPDHNVIGWRLSQSVAALYYTEGHADLI
;
A,B
2 'polyribonucleotide' AUCGGUUCGAGAUGGCUCGAAUCGCUCCUAACGAGGAUUCCA C
#
loop_
_chem_comp.id
_chem_comp.type
_chem_comp.name
_chem_comp.formula
A RNA linking ADENOSINE-5'-MONOPHOSPHATE 'C10 H14 N5 O7 P'
C RNA linking CYTIDINE-5'-MONOPHOSPHATE 'C9 H14 N3 O8 P'
G RNA linking GUANOSINE-5'-MONOPHOSPHATE 'C10 H14 N5 O8 P'
U RNA linking URIDINE-5'-MONOPHOSPHATE 'C9 H13 N2 O9 P'
#
# COMPACT_ATOMS: atom_id res chain seq x y z
N SER A 4 -9.80 21.07 0.62
CA SER A 4 -11.02 20.27 0.72
C SER A 4 -10.85 18.93 0.02
N MET A 5 -10.94 17.85 0.80
CA MET A 5 -10.69 16.52 0.28
C MET A 5 -11.88 15.99 -0.52
N THR A 6 -11.69 14.76 -1.00
CA THR A 6 -12.64 13.97 -1.75
C THR A 6 -12.53 12.57 -1.18
N ASN A 7 -13.67 11.83 -1.16
CA ASN A 7 -13.70 10.47 -0.63
C ASN A 7 -12.77 9.50 -1.35
N LYS A 8 -12.51 9.72 -2.65
CA LYS A 8 -11.57 8.90 -3.40
C LYS A 8 -10.14 9.08 -2.91
N GLU A 9 -9.68 10.33 -2.77
CA GLU A 9 -8.31 10.56 -2.34
C GLU A 9 -8.10 10.29 -0.85
N LEU A 10 -9.16 10.44 -0.03
CA LEU A 10 -9.11 9.97 1.36
C LEU A 10 -8.89 8.47 1.44
N GLN A 11 -9.63 7.70 0.63
CA GLN A 11 -9.43 6.25 0.58
C GLN A 11 -8.06 5.88 0.00
N ALA A 12 -7.55 6.69 -0.93
CA ALA A 12 -6.23 6.44 -1.52
C ALA A 12 -5.11 6.61 -0.50
N ILE A 13 -5.15 7.71 0.27
CA ILE A 13 -4.15 7.97 1.30
C ILE A 13 -4.25 6.92 2.42
N ARG A 14 -5.48 6.51 2.78
CA ARG A 14 -5.68 5.50 3.81
C ARG A 14 -5.14 4.13 3.38
N LYS A 15 -5.34 3.76 2.11
CA LYS A 15 -4.83 2.46 1.64
C LYS A 15 -3.33 2.48 1.39
N LEU A 16 -2.74 3.65 1.07
CA LEU A 16 -1.29 3.71 0.86
C LEU A 16 -0.51 3.50 2.17
N LEU A 17 -0.99 4.08 3.26
CA LEU A 17 -0.34 3.95 4.56
C LEU A 17 -0.66 2.64 5.29
N MET A 18 -1.34 1.69 4.63
CA MET A 18 -1.59 0.32 5.09
C MET A 18 -2.42 0.26 6.37
N LEU A 19 -3.37 1.18 6.52
CA LEU A 19 -4.23 1.22 7.69
C LEU A 19 -5.51 0.43 7.45
N ASP A 20 -6.00 -0.23 8.50
CA ASP A 20 -7.35 -0.80 8.47
C ASP A 20 -8.39 0.28 8.77
N VAL A 21 -9.65 -0.06 8.50
CA VAL A 21 -10.77 0.86 8.70
C VAL A 21 -10.97 1.15 10.19
N SER A 22 -10.87 0.12 11.03
CA SER A 22 -11.11 0.29 12.47
C SER A 22 -9.94 0.99 13.15
N GLU A 23 -8.70 0.72 12.70
CA GLU A 23 -7.52 1.40 13.22
C GLU A 23 -7.54 2.88 12.90
N ALA A 24 -7.90 3.23 11.66
CA ALA A 24 -8.03 4.62 11.26
C ALA A 24 -9.20 5.30 11.96
N ALA A 25 -10.29 4.56 12.18
CA ALA A 25 -11.45 5.12 12.86
C ALA A 25 -11.17 5.43 14.32
N GLU A 26 -10.42 4.55 15.01
CA GLU A 26 -10.12 4.80 16.41
C GLU A 26 -9.00 5.81 16.60
N HIS A 27 -7.89 5.66 15.88
CA HIS A 27 -6.70 6.44 16.19
C HIS A 27 -6.61 7.76 15.43
N ILE A 28 -7.25 7.88 14.28
CA ILE A 28 -7.21 9.10 13.48
C ILE A 28 -8.55 9.83 13.48
N GLY A 29 -9.64 9.11 13.29
CA GLY A 29 -10.96 9.71 13.24
C GLY A 29 -11.58 10.03 14.59
N ARG A 30 -11.29 9.18 15.59
CA ARG A 30 -11.99 9.12 16.89
C ARG A 30 -13.50 8.97 16.69
N VAL A 31 -13.87 8.08 15.77
CA VAL A 31 -15.26 7.79 15.40
C VAL A 31 -15.42 6.27 15.32
N SER A 32 -16.66 5.83 15.11
CA SER A 32 -16.92 4.43 14.82
C SER A 32 -16.57 4.11 13.37
N ALA A 33 -16.46 2.81 13.08
CA ALA A 33 -16.04 2.36 11.75
C ALA A 33 -17.09 2.65 10.68
N ARG A 34 -18.38 2.70 11.08
CA ARG A 34 -19.46 3.02 10.15
C ARG A 34 -19.35 4.46 9.65
N SER A 35 -18.97 5.39 10.52
CA SER A 35 -18.78 6.78 10.14
C SER A 35 -17.60 6.96 9.19
N TRP A 36 -16.52 6.19 9.39
CA TRP A 36 -15.39 6.22 8.47
C TRP A 36 -15.78 5.64 7.10
N GLN A 37 -16.60 4.59 7.11
CA GLN A 37 -17.12 4.04 5.85
C GLN A 37 -18.03 5.02 5.14
N TYR A 38 -18.85 5.79 5.88
CA TYR A 38 -19.61 6.86 5.25
C TYR A 38 -18.76 8.02 4.75
N TRP A 39 -17.58 8.27 5.34
CA TRP A 39 -16.70 9.28 4.73
C TRP A 39 -16.06 8.77 3.45
N GLU A 40 -15.65 7.50 3.40
CA GLU A 40 -15.06 6.98 2.17
C GLU A 40 -16.09 6.71 1.07
N SER A 41 -17.39 6.71 1.40
CA SER A 41 -18.43 6.47 0.40
C SER A 41 -19.02 7.75 -0.17
N GLY A 42 -18.75 8.90 0.43
CA GLY A 42 -19.32 10.14 -0.03
C GLY A 42 -20.72 10.43 0.46
N ARG A 43 -21.27 9.62 1.36
CA ARG A 43 -22.54 9.94 1.99
C ARG A 43 -22.40 11.07 2.99
N SER A 44 -21.21 11.27 3.56
CA SER A 44 -20.94 12.36 4.48
C SER A 44 -19.61 13.02 4.11
N ALA A 45 -19.51 14.31 4.38
CA ALA A 45 -18.35 15.10 3.98
C ALA A 45 -17.19 14.91 4.94
N VAL A 46 -15.99 14.78 4.39
CA VAL A 46 -14.75 14.57 5.15
C VAL A 46 -14.41 15.82 5.98
N PRO A 47 -14.14 15.71 7.27
CA PRO A 47 -13.76 16.87 8.07
C PRO A 47 -12.35 17.39 7.77
N ASP A 48 -12.10 18.62 8.24
CA ASP A 48 -10.83 19.32 7.97
C ASP A 48 -9.65 18.67 8.70
N ASP A 49 -9.84 18.31 9.98
CA ASP A 49 -8.72 17.87 10.80
C ASP A 49 -8.23 16.48 10.39
N VAL A 50 -9.14 15.65 9.86
CA VAL A 50 -8.75 14.36 9.29
C VAL A 50 -7.85 14.55 8.07
N GLU A 51 -8.20 15.51 7.21
CA GLU A 51 -7.39 15.89 6.06
C GLU A 51 -6.00 16.37 6.46
N GLN A 52 -5.96 17.26 7.47
CA GLN A 52 -4.68 17.81 7.95
C GLN A 52 -3.80 16.73 8.57
N GLU A 53 -4.40 15.83 9.36
CA GLU A 53 -3.63 14.76 10.01
C GLU A 53 -3.11 13.74 9.00
N MET A 54 -3.89 13.42 7.95
CA MET A 54 -3.40 12.48 6.94
C MET A 54 -2.31 13.10 6.07
N LEU A 55 -2.41 14.42 5.80
CA LEU A 55 -1.33 15.11 5.08
C LEU A 55 -0.05 15.18 5.92
N ASP A 56 -0.21 15.37 7.24
CA ASP A 56 0.92 15.35 8.17
C ASP A 56 1.60 13.99 8.22
N LEU A 57 0.80 12.92 8.22
CA LEU A 57 1.36 11.56 8.23
C LEU A 57 2.08 11.23 6.92
N ALA A 58 1.57 11.75 5.80
CA ALA A 58 2.28 11.60 4.52
C ALA A 58 3.61 12.36 4.53
N SER A 59 3.65 13.54 5.18
CA SER A 59 4.90 14.27 5.36
C SER A 59 5.91 13.49 6.20
N VAL A 60 5.43 12.83 7.28
CA VAL A 60 6.28 11.98 8.11
C VAL A 60 6.84 10.80 7.30
N ARG A 61 6.02 10.25 6.39
CA ARG A 61 6.48 9.20 5.48
C ARG A 61 7.59 9.70 4.54
N ILE A 62 7.48 10.94 4.06
CA ILE A 62 8.55 11.54 3.24
C ILE A 62 9.84 11.75 4.06
N GLU A 63 9.71 12.17 5.32
CA GLU A 63 10.88 12.29 6.20
C GLU A 63 11.53 10.94 6.48
N MET A 64 10.72 9.88 6.55
CA MET A 64 11.28 8.53 6.68
C MET A 64 12.03 8.09 5.43
N MET A 65 11.51 8.43 4.24
CA MET A 65 12.15 8.00 3.00
C MET A 65 13.46 8.75 2.72
N SER A 66 13.56 9.99 3.21
CA SER A 66 14.75 10.82 2.97
C SER A 66 16.02 10.22 3.59
N ALA A 67 15.91 9.65 4.79
CA ALA A 67 17.07 9.06 5.46
C ALA A 67 17.55 7.80 4.75
N ILE A 68 16.61 7.03 4.18
CA ILE A 68 16.99 5.83 3.43
C ILE A 68 17.66 6.21 2.12
N ASP A 69 17.20 7.28 1.47
CA ASP A 69 17.91 7.80 0.30
C ASP A 69 19.30 8.32 0.66
N LYS A 70 19.43 8.95 1.84
CA LYS A 70 20.72 9.40 2.36
C LYS A 70 21.68 8.24 2.59
N ARG A 71 21.18 7.12 3.13
CA ARG A 71 22.04 5.96 3.34
C ARG A 71 22.39 5.26 2.03
N LEU A 72 21.46 5.23 1.07
CA LEU A 72 21.75 4.67 -0.25
C LEU A 72 22.75 5.51 -1.01
N ALA A 73 22.82 6.81 -0.74
CA ALA A 73 23.87 7.65 -1.32
C ALA A 73 25.27 7.30 -0.79
N ASP A 74 25.37 6.66 0.38
CA ASP A 74 26.66 6.34 0.98
C ASP A 74 27.20 4.97 0.55
N GLY A 75 26.50 4.25 -0.32
CA GLY A 75 27.01 3.02 -0.89
C GLY A 75 26.78 1.76 -0.08
N GLU A 76 26.15 1.85 1.08
CA GLU A 76 25.79 0.65 1.85
C GLU A 76 24.53 0.01 1.26
N ARG A 77 24.13 -1.10 1.87
CA ARG A 77 22.86 -1.76 1.55
C ARG A 77 22.07 -1.91 2.84
N PRO A 78 20.99 -1.14 3.04
CA PRO A 78 20.29 -1.14 4.33
C PRO A 78 19.57 -2.45 4.63
N LYS A 79 19.46 -2.75 5.93
CA LYS A 79 18.61 -3.81 6.43
C LYS A 79 17.46 -3.20 7.20
N LEU A 80 16.24 -3.55 6.84
CA LEU A 80 15.04 -2.91 7.37
C LEU A 80 14.19 -3.92 8.12
N ARG A 81 13.57 -3.47 9.20
CA ARG A 81 12.80 -4.33 10.09
C ARG A 81 11.34 -4.37 9.64
N PHE A 82 10.84 -5.56 9.34
CA PHE A 82 9.43 -5.76 8.99
C PHE A 82 8.78 -6.59 10.09
N TYR A 83 8.06 -5.91 10.99
CA TYR A 83 7.39 -6.56 12.12
C TYR A 83 6.05 -7.12 11.67
N ASN A 84 5.89 -8.44 11.83
CA ASN A 84 4.67 -9.12 11.41
C ASN A 84 3.52 -8.94 12.39
N LYS A 85 3.82 -8.68 13.66
CA LYS A 85 2.81 -8.51 14.71
C LYS A 85 3.12 -7.25 15.51
N LEU A 86 2.06 -6.69 16.09
CA LEU A 86 2.19 -5.45 16.86
C LEU A 86 2.95 -5.65 18.17
N ASP A 87 2.82 -6.83 18.78
CA ASP A 87 3.47 -7.06 20.08
C ASP A 87 4.98 -7.16 19.96
N GLU A 88 5.49 -7.78 18.90
CA GLU A 88 6.93 -7.79 18.67
C GLU A 88 7.45 -6.42 18.25
N TYR A 89 6.60 -5.57 17.65
CA TYR A 89 6.99 -4.18 17.39
C TYR A 89 7.11 -3.40 18.70
N LEU A 90 6.14 -3.58 19.59
CA LEU A 90 6.15 -2.87 20.87
C LEU A 90 7.20 -3.41 21.83
N ALA A 91 7.70 -4.63 21.59
CA ALA A 91 8.84 -5.12 22.36
C ALA A 91 10.11 -4.35 22.05
N ASP A 92 10.26 -3.86 20.81
CA ASP A 92 11.41 -3.05 20.43
C ASP A 92 11.14 -1.55 20.48
N ASN A 93 9.89 -1.15 20.74
CA ASN A 93 9.49 0.26 20.70
C ASN A 93 8.59 0.56 21.87
N PRO A 94 9.10 1.22 22.91
CA PRO A 94 8.26 1.55 24.07
C PRO A 94 7.19 2.60 23.80
N ASP A 95 7.54 3.67 23.10
CA ASP A 95 6.71 4.87 23.01
C ASP A 95 6.07 5.05 21.65
N HIS A 96 5.61 3.96 21.05
CA HIS A 96 4.99 4.00 19.73
C HIS A 96 3.67 3.23 19.78
N ASN A 97 2.88 3.38 18.72
CA ASN A 97 1.59 2.71 18.61
C ASN A 97 1.45 2.01 17.24
N VAL A 98 0.22 1.63 16.91
CA VAL A 98 -0.09 0.88 15.68
C VAL A 98 0.14 1.72 14.42
N ILE A 99 0.09 3.05 14.52
CA ILE A 99 0.32 3.92 13.36
C ILE A 99 1.78 3.85 12.92
N GLY A 100 2.71 3.88 13.89
CA GLY A 100 4.12 3.73 13.57
C GLY A 100 4.47 2.36 13.02
N TRP A 101 3.76 1.33 13.48
CA TRP A 101 3.91 -0.02 12.94
C TRP A 101 3.47 -0.09 11.47
N ARG A 102 2.31 0.50 11.16
CA ARG A 102 1.85 0.57 9.77
C ARG A 102 2.77 1.40 8.88
N LEU A 103 3.27 2.53 9.39
CA LEU A 103 4.23 3.35 8.64
C LEU A 103 5.54 2.61 8.39
N SER A 104 6.03 1.88 9.40
CA SER A 104 7.23 1.05 9.25
C SER A 104 7.06 -0.02 8.18
N GLN A 105 5.90 -0.69 8.16
CA GLN A 105 5.62 -1.68 7.13
C GLN A 105 5.52 -1.06 5.73
N SER A 106 4.85 0.10 5.62
CA SER A 106 4.66 0.73 4.32
C SER A 106 5.95 1.30 3.75
N VAL A 107 6.85 1.79 4.62
CA VAL A 107 8.15 2.25 4.16
C VAL A 107 9.04 1.07 3.77
N ALA A 108 9.03 -0.01 4.56
CA ALA A 108 9.92 -1.14 4.28
C ALA A 108 9.50 -1.95 3.05
N ALA A 109 8.20 -2.03 2.78
CA ALA A 109 7.71 -2.78 1.61
C ALA A 109 8.12 -2.13 0.30
N LEU A 110 8.19 -0.79 0.27
CA LEU A 110 8.60 -0.04 -0.91
C LEU A 110 10.05 -0.35 -1.29
N TYR A 111 10.97 -0.20 -0.34
CA TYR A 111 12.38 -0.46 -0.63
C TYR A 111 12.70 -1.94 -0.78
N TYR A 112 11.89 -2.84 -0.24
CA TYR A 112 12.10 -4.24 -0.61
C TYR A 112 11.67 -4.50 -2.06
N THR A 113 10.56 -3.89 -2.50
CA THR A 113 10.07 -4.16 -3.85
C THR A 113 10.95 -3.53 -4.93
N GLU A 114 11.50 -2.34 -4.68
CA GLU A 114 12.41 -1.71 -5.63
C GLU A 114 13.77 -2.40 -5.72
N GLY A 115 14.10 -3.31 -4.81
CA GLY A 115 15.35 -4.05 -4.85
C GLY A 115 16.52 -3.37 -4.17
N HIS A 116 16.31 -2.21 -3.54
CA HIS A 116 17.43 -1.49 -2.92
C HIS A 116 17.87 -2.15 -1.61
N ALA A 117 16.93 -2.64 -0.80
CA ALA A 117 17.22 -3.04 0.57
C ALA A 117 16.73 -4.46 0.84
N ASP A 118 17.01 -4.91 2.07
CA ASP A 118 16.66 -6.24 2.53
C ASP A 118 15.79 -6.15 3.79
N LEU A 119 14.90 -7.12 3.96
CA LEU A 119 14.03 -7.20 5.12
C LEU A 119 14.53 -8.24 6.11
N ILE A 120 14.52 -7.88 7.38
CA ILE A 120 14.87 -8.80 8.46
C ILE A 120 13.72 -8.83 9.47
N SER B 4 14.43 -19.22 -1.79
CA SER B 4 13.08 -19.30 -1.26
C SER B 4 12.66 -17.98 -0.64
N MET B 5 11.35 -17.73 -0.61
CA MET B 5 10.78 -16.48 -0.14
C MET B 5 10.23 -16.66 1.27
N THR B 6 10.56 -15.73 2.15
CA THR B 6 10.03 -15.80 3.50
C THR B 6 8.62 -15.21 3.54
N ASN B 7 7.92 -15.51 4.65
CA ASN B 7 6.53 -15.09 4.81
C ASN B 7 6.40 -13.58 4.95
N LYS B 8 7.41 -12.91 5.51
CA LYS B 8 7.40 -11.46 5.66
C LYS B 8 7.43 -10.75 4.31
N GLU B 9 8.27 -11.25 3.39
CA GLU B 9 8.38 -10.66 2.06
C GLU B 9 7.10 -10.86 1.25
N LEU B 10 6.48 -12.04 1.37
CA LEU B 10 5.20 -12.32 0.70
C LEU B 10 4.09 -11.41 1.21
N GLN B 11 4.03 -11.20 2.54
CA GLN B 11 3.06 -10.27 3.10
C GLN B 11 3.34 -8.82 2.70
N ALA B 12 4.63 -8.47 2.54
CA ALA B 12 4.99 -7.11 2.13
C ALA B 12 4.54 -6.81 0.71
N ILE B 13 4.83 -7.72 -0.24
CA ILE B 13 4.41 -7.53 -1.63
C ILE B 13 2.89 -7.60 -1.76
N ARG B 14 2.22 -8.47 -0.97
CA ARG B 14 0.75 -8.53 -1.04
C ARG B 14 0.10 -7.25 -0.53
N LYS B 15 0.62 -6.67 0.57
CA LYS B 15 0.05 -5.43 1.08
C LYS B 15 0.43 -4.22 0.23
N LEU B 16 1.52 -4.31 -0.53
CA LEU B 16 1.90 -3.19 -1.40
C LEU B 16 0.97 -3.07 -2.60
N LEU B 17 0.57 -4.20 -3.19
CA LEU B 17 -0.30 -4.22 -4.36
C LEU B 17 -1.77 -4.02 -4.02
N MET B 18 -2.11 -3.83 -2.73
CA MET B 18 -3.46 -3.58 -2.20
C MET B 18 -4.42 -4.74 -2.46
N LEU B 19 -3.92 -5.96 -2.55
CA LEU B 19 -4.78 -7.13 -2.70
C LEU B 19 -5.29 -7.61 -1.34
N ASP B 20 -6.56 -8.02 -1.31
CA ASP B 20 -7.09 -8.73 -0.16
C ASP B 20 -6.57 -10.17 -0.11
N VAL B 21 -6.77 -10.81 1.04
CA VAL B 21 -6.35 -12.20 1.23
C VAL B 21 -7.15 -13.13 0.31
N SER B 22 -8.46 -12.92 0.25
CA SER B 22 -9.35 -13.79 -0.53
C SER B 22 -9.12 -13.68 -2.03
N GLU B 23 -8.85 -12.45 -2.51
CA GLU B 23 -8.59 -12.22 -3.93
C GLU B 23 -7.30 -12.90 -4.39
N ALA B 24 -6.25 -12.74 -3.58
CA ALA B 24 -4.96 -13.39 -3.87
C ALA B 24 -5.06 -14.90 -3.70
N ALA B 25 -5.90 -15.37 -2.77
CA ALA B 25 -6.11 -16.79 -2.58
C ALA B 25 -6.84 -17.41 -3.77
N GLU B 26 -7.79 -16.68 -4.37
CA GLU B 26 -8.51 -17.21 -5.52
C GLU B 26 -7.69 -17.12 -6.81
N HIS B 27 -7.21 -15.92 -7.16
CA HIS B 27 -6.62 -15.74 -8.47
C HIS B 27 -5.13 -16.10 -8.52
N ILE B 28 -4.35 -15.70 -7.52
CA ILE B 28 -2.91 -16.00 -7.52
C ILE B 28 -2.62 -17.37 -6.94
N GLY B 29 -3.17 -17.65 -5.75
CA GLY B 29 -2.87 -18.91 -5.09
C GLY B 29 -3.66 -20.09 -5.56
N ARG B 30 -4.90 -19.86 -6.02
CA ARG B 30 -5.91 -20.89 -6.37
C ARG B 30 -6.16 -21.84 -5.20
N VAL B 31 -6.27 -21.26 -4.00
CA VAL B 31 -6.45 -22.00 -2.75
C VAL B 31 -7.54 -21.32 -1.93
N SER B 32 -7.89 -21.97 -0.82
CA SER B 32 -8.72 -21.35 0.20
C SER B 32 -7.92 -20.27 0.95
N ALA B 33 -8.64 -19.37 1.60
CA ALA B 33 -7.99 -18.27 2.32
C ALA B 33 -7.26 -18.76 3.56
N ARG B 34 -7.72 -19.86 4.16
CA ARG B 34 -7.08 -20.49 5.31
C ARG B 34 -5.66 -20.94 5.00
N SER B 35 -5.41 -21.41 3.79
CA SER B 35 -4.06 -21.81 3.39
C SER B 35 -3.16 -20.60 3.16
N TRP B 36 -3.71 -19.52 2.60
CA TRP B 36 -2.94 -18.30 2.36
C TRP B 36 -2.50 -17.65 3.67
N GLN B 37 -3.37 -17.69 4.68
CA GLN B 37 -2.96 -17.25 6.02
C GLN B 37 -1.87 -18.14 6.63
N TYR B 38 -1.85 -19.43 6.28
CA TYR B 38 -0.75 -20.28 6.75
C TYR B 38 0.56 -19.96 6.04
N TRP B 39 0.50 -19.57 4.75
CA TRP B 39 1.72 -19.15 4.06
C TRP B 39 2.25 -17.83 4.61
N GLU B 40 1.36 -16.89 4.93
CA GLU B 40 1.81 -15.64 5.51
C GLU B 40 2.18 -15.75 6.99
N SER B 41 1.67 -16.76 7.70
CA SER B 41 2.00 -16.92 9.11
C SER B 41 3.29 -17.69 9.35
N GLY B 42 3.78 -18.42 8.35
CA GLY B 42 5.01 -19.18 8.50
C GLY B 42 4.84 -20.63 8.90
N ARG B 43 3.60 -21.11 9.08
CA ARG B 43 3.39 -22.53 9.37
C ARG B 43 3.72 -23.42 8.19
N SER B 44 3.54 -22.91 6.98
CA SER B 44 3.81 -23.67 5.76
C SER B 44 4.68 -22.83 4.83
N ALA B 45 5.56 -23.52 4.11
CA ALA B 45 6.46 -22.84 3.17
C ALA B 45 5.71 -22.31 1.96
N VAL B 46 6.16 -21.16 1.47
CA VAL B 46 5.56 -20.54 0.28
C VAL B 46 5.94 -21.35 -0.97
N PRO B 47 4.99 -21.71 -1.82
CA PRO B 47 5.35 -22.39 -3.07
C PRO B 47 6.02 -21.45 -4.07
N ASP B 48 6.89 -22.03 -4.91
CA ASP B 48 7.68 -21.28 -5.88
C ASP B 48 6.83 -20.59 -6.94
N ASP B 49 5.74 -21.24 -7.36
CA ASP B 49 4.88 -20.67 -8.40
C ASP B 49 4.02 -19.51 -7.91
N VAL B 50 3.97 -19.27 -6.60
CA VAL B 50 3.39 -18.02 -6.07
C VAL B 50 4.41 -16.90 -6.08
N GLU B 51 5.67 -17.26 -5.76
CA GLU B 51 6.80 -16.34 -5.76
C GLU B 51 7.03 -15.74 -7.15
N GLN B 52 7.01 -16.61 -8.17
CA GLN B 52 7.22 -16.21 -9.56
C GLN B 52 6.13 -15.23 -10.03
N GLU B 53 4.87 -15.51 -9.65
CA GLU B 53 3.75 -14.65 -10.00
C GLU B 53 3.83 -13.28 -9.33
N MET B 54 4.23 -13.24 -8.05
CA MET B 54 4.30 -11.97 -7.35
C MET B 54 5.44 -11.08 -7.87
N LEU B 55 6.58 -11.70 -8.22
CA LEU B 55 7.67 -10.92 -8.83
C LEU B 55 7.30 -10.41 -10.22
N ASP B 56 6.61 -11.24 -11.02
CA ASP B 56 6.10 -10.82 -12.33
C ASP B 56 5.11 -9.66 -12.21
N LEU B 57 4.23 -9.69 -11.20
CA LEU B 57 3.28 -8.60 -11.01
C LEU B 57 3.96 -7.29 -10.57
N ALA B 58 4.98 -7.41 -9.72
CA ALA B 58 5.75 -6.23 -9.30
C ALA B 58 6.48 -5.59 -10.47
N SER B 59 6.97 -6.40 -11.41
CA SER B 59 7.58 -5.85 -12.63
C SER B 59 6.59 -5.08 -13.50
N VAL B 60 5.32 -5.52 -13.56
CA VAL B 60 4.27 -4.78 -14.25
C VAL B 60 4.01 -3.44 -13.58
N ARG B 61 4.10 -3.41 -12.24
CA ARG B 61 3.98 -2.14 -11.52
C ARG B 61 5.13 -1.18 -11.84
N ILE B 62 6.37 -1.69 -11.91
CA ILE B 62 7.53 -0.85 -12.29
C ILE B 62 7.39 -0.31 -13.71
N GLU B 63 6.87 -1.14 -14.62
CA GLU B 63 6.56 -0.71 -16.00
C GLU B 63 5.55 0.43 -16.02
N MET B 64 4.50 0.33 -15.20
CA MET B 64 3.51 1.40 -15.12
C MET B 64 4.09 2.69 -14.54
N MET B 65 4.95 2.59 -13.51
CA MET B 65 5.54 3.80 -12.92
C MET B 65 6.49 4.49 -13.91
N SER B 66 7.24 3.70 -14.68
CA SER B 66 8.05 4.26 -15.77
C SER B 66 7.18 4.95 -16.82
N ALA B 67 6.01 4.37 -17.13
CA ALA B 67 5.12 4.95 -18.12
C ALA B 67 4.51 6.28 -17.66
N ILE B 68 4.23 6.43 -16.37
CA ILE B 68 3.82 7.76 -15.88
C ILE B 68 5.02 8.73 -15.82
N ASP B 69 6.23 8.25 -15.48
CA ASP B 69 7.40 9.12 -15.39
C ASP B 69 7.84 9.71 -16.75
N LYS B 70 7.65 8.94 -17.84
CA LYS B 70 7.94 9.49 -19.17
C LYS B 70 6.97 10.60 -19.56
N ARG B 71 5.75 10.58 -19.03
CA ARG B 71 4.82 11.69 -19.24
C ARG B 71 5.13 12.86 -18.30
N LEU B 72 5.62 12.56 -17.10
CA LEU B 72 6.06 13.61 -16.16
C LEU B 72 7.28 14.36 -16.68
N ALA B 73 8.09 13.72 -17.51
CA ALA B 73 9.25 14.39 -18.11
C ALA B 73 8.88 15.50 -19.10
N ASP B 74 7.64 15.52 -19.59
CA ASP B 74 7.20 16.56 -20.53
C ASP B 74 6.83 17.87 -19.85
N GLY B 75 6.82 17.93 -18.52
CA GLY B 75 6.25 19.05 -17.81
C GLY B 75 4.75 18.99 -17.65
N GLU B 76 4.12 17.88 -18.02
CA GLU B 76 2.69 17.66 -17.84
C GLU B 76 2.37 17.50 -16.36
N ARG B 77 1.13 17.81 -15.99
CA ARG B 77 0.57 17.45 -14.70
C ARG B 77 -0.56 16.47 -14.99
N PRO B 78 -0.26 15.16 -14.97
CA PRO B 78 -1.24 14.16 -15.40
C PRO B 78 -2.40 14.00 -14.41
N LYS B 79 -3.59 13.79 -14.96
CA LYS B 79 -4.79 13.53 -14.17
C LYS B 79 -5.08 12.03 -14.25
N LEU B 80 -4.79 11.31 -13.17
CA LEU B 80 -4.93 9.86 -13.14
C LEU B 80 -6.31 9.46 -12.62
N ARG B 81 -6.70 8.23 -12.94
CA ARG B 81 -8.03 7.72 -12.64
C ARG B 81 -7.98 6.72 -11.49
N PHE B 82 -8.76 7.02 -10.44
CA PHE B 82 -8.93 6.14 -9.30
C PHE B 82 -10.35 5.58 -9.36
N TYR B 83 -10.46 4.24 -9.40
CA TYR B 83 -11.75 3.57 -9.55
C TYR B 83 -12.19 3.01 -8.20
N ASN B 84 -13.38 3.40 -7.75
CA ASN B 84 -13.92 2.90 -6.49
C ASN B 84 -14.47 1.48 -6.59
N LYS B 85 -14.93 1.05 -7.77
CA LYS B 85 -15.62 -0.22 -7.90
C LYS B 85 -15.01 -1.03 -9.04
N LEU B 86 -15.19 -2.35 -8.97
CA LEU B 86 -14.65 -3.25 -9.98
C LEU B 86 -15.45 -3.17 -11.28
N ASP B 87 -16.77 -3.00 -11.20
CA ASP B 87 -17.60 -2.98 -12.40
C ASP B 87 -17.38 -1.71 -13.24
N GLU B 88 -17.12 -0.58 -12.57
CA GLU B 88 -16.74 0.64 -13.28
C GLU B 88 -15.41 0.49 -14.01
N TYR B 89 -14.45 -0.20 -13.39
CA TYR B 89 -13.19 -0.49 -14.06
C TYR B 89 -13.40 -1.44 -15.25
N LEU B 90 -14.28 -2.43 -15.07
CA LEU B 90 -14.53 -3.42 -16.12
C LEU B 90 -15.30 -2.82 -17.30
N ALA B 91 -16.08 -1.77 -17.05
CA ALA B 91 -16.76 -1.07 -18.14
C ALA B 91 -15.78 -0.39 -19.09
N ASP B 92 -14.68 0.16 -18.54
CA ASP B 92 -13.65 0.78 -19.35
C ASP B 92 -12.54 -0.18 -19.75
N ASN B 93 -12.45 -1.33 -19.09
CA ASN B 93 -11.44 -2.36 -19.41
C ASN B 93 -12.10 -3.72 -19.52
N PRO B 94 -12.70 -4.04 -20.69
CA PRO B 94 -13.44 -5.31 -20.84
C PRO B 94 -12.63 -6.60 -20.67
N ASP B 95 -11.36 -6.59 -20.99
CA ASP B 95 -10.54 -7.80 -20.97
C ASP B 95 -9.64 -7.92 -19.73
N HIS B 96 -9.75 -7.00 -18.77
CA HIS B 96 -8.96 -7.06 -17.55
C HIS B 96 -9.77 -7.72 -16.43
N ASN B 97 -9.20 -7.75 -15.23
CA ASN B 97 -9.84 -8.33 -14.06
C ASN B 97 -9.45 -7.52 -12.81
N VAL B 98 -9.63 -8.12 -11.64
CA VAL B 98 -9.52 -7.43 -10.36
C VAL B 98 -8.09 -7.03 -10.01
N ILE B 99 -7.10 -7.76 -10.55
CA ILE B 99 -5.70 -7.51 -10.27
C ILE B 99 -5.23 -6.19 -10.88
N GLY B 100 -5.62 -5.94 -12.14
CA GLY B 100 -5.32 -4.67 -12.78
C GLY B 100 -6.00 -3.48 -12.13
N TRP B 101 -7.20 -3.69 -11.58
CA TRP B 101 -7.90 -2.68 -10.79
C TRP B 101 -7.12 -2.31 -9.53
N ARG B 102 -6.61 -3.33 -8.80
CA ARG B 102 -5.81 -3.07 -7.60
C ARG B 102 -4.48 -2.39 -7.92
N LEU B 103 -3.80 -2.83 -8.99
CA LEU B 103 -2.55 -2.21 -9.42
C LEU B 103 -2.73 -0.76 -9.84
N SER B 104 -3.81 -0.48 -10.58
CA SER B 104 -4.19 0.88 -10.95
C SER B 104 -4.44 1.76 -9.73
N GLN B 105 -5.13 1.22 -8.72
CA GLN B 105 -5.39 1.95 -7.48
C GLN B 105 -4.10 2.27 -6.73
N SER B 106 -3.15 1.32 -6.68
CA SER B 106 -1.89 1.55 -5.99
C SER B 106 -1.03 2.61 -6.67
N VAL B 107 -0.93 2.56 -8.02
CA VAL B 107 -0.15 3.54 -8.77
C VAL B 107 -0.76 4.94 -8.67
N ALA B 108 -2.10 5.01 -8.74
CA ALA B 108 -2.80 6.29 -8.59
C ALA B 108 -2.63 6.89 -7.20
N ALA B 109 -2.68 6.06 -6.15
CA ALA B 109 -2.47 6.54 -4.79
C ALA B 109 -1.05 7.04 -4.56
N LEU B 110 -0.06 6.31 -5.11
CA LEU B 110 1.34 6.71 -4.97
C LEU B 110 1.64 8.03 -5.67
N TYR B 111 1.12 8.20 -6.90
CA TYR B 111 1.38 9.47 -7.58
C TYR B 111 0.51 10.61 -7.08
N TYR B 112 -0.64 10.33 -6.46
CA TYR B 112 -1.38 11.42 -5.80
C TYR B 112 -0.65 11.89 -4.54
N THR B 113 -0.08 10.95 -3.78
CA THR B 113 0.44 11.28 -2.44
C THR B 113 1.67 12.18 -2.51
N GLU B 114 2.55 11.95 -3.48
CA GLU B 114 3.79 12.70 -3.61
C GLU B 114 3.63 13.99 -4.41
N GLY B 115 2.42 14.32 -4.85
CA GLY B 115 2.14 15.61 -5.47
C GLY B 115 2.38 15.69 -6.96
N HIS B 116 2.76 14.59 -7.61
CA HIS B 116 3.02 14.64 -9.05
C HIS B 116 1.74 14.71 -9.87
N ALA B 117 0.63 14.17 -9.37
CA ALA B 117 -0.57 13.98 -10.17
C ALA B 117 -1.80 14.47 -9.42
N ASP B 118 -2.92 14.51 -10.14
CA ASP B 118 -4.22 14.87 -9.61
C ASP B 118 -5.21 13.73 -9.84
N LEU B 119 -6.16 13.58 -8.92
CA LEU B 119 -7.21 12.58 -9.05
C LEU B 119 -8.51 13.26 -9.47
N ILE B 120 -9.25 12.58 -10.35
CA ILE B 120 -10.49 13.10 -10.90
C ILE B 120 -11.65 12.88 -9.93
#